data_5DY7
#
_entry.id   5DY7
#
_cell.length_a   60.667
_cell.length_b   60.667
_cell.length_c   62.382
_cell.angle_alpha   90.00
_cell.angle_beta   90.00
_cell.angle_gamma   120.00
#
_symmetry.space_group_name_H-M   'P 32 2 1'
#
loop_
_entity.id
_entity.type
_entity.pdbx_description
1 polymer Peregrin
2 non-polymer 7-(trifluoromethyl)-3,4-dihydroquinoxalin-2(1H)-one
3 non-polymer 'NITRATE ION'
4 water water
#
_entity_poly.entity_id   1
_entity_poly.type   'polypeptide(L)'
_entity_poly.pdbx_seq_one_letter_code
;SMEMQLTPFLILLRKTLEQLQEKDTGNIFSEPVPLSEVPDYLDHIKKPMDFFTMKQNLEAYRYLNFDDFEEDFNLIVSNC
LKYNAKDTIFYRAAVRLREQGGAVLRQARRQAEKMG
;
_entity_poly.pdbx_strand_id   A
#
loop_
_chem_comp.id
_chem_comp.type
_chem_comp.name
_chem_comp.formula
5GT non-polymer 7-(trifluoromethyl)-3,4-dihydroquinoxalin-2(1H)-one 'C9 H7 F3 N2 O'
NO3 non-polymer 'NITRATE ION' 'N O3 -1'
#
# COMPACT_ATOMS: atom_id res chain seq x y z
N GLU A 3 -18.48 -3.97 13.71
CA GLU A 3 -19.22 -3.61 14.92
C GLU A 3 -18.33 -2.90 15.93
N MET A 4 -17.50 -1.98 15.43
CA MET A 4 -16.51 -1.29 16.24
C MET A 4 -16.65 0.22 16.09
N GLN A 5 -15.89 0.95 16.89
CA GLN A 5 -15.88 2.40 16.82
C GLN A 5 -14.95 2.88 15.72
N LEU A 6 -15.30 4.01 15.10
CA LEU A 6 -14.60 4.48 13.92
C LEU A 6 -13.23 5.06 14.28
N THR A 7 -13.17 5.92 15.30
CA THR A 7 -11.92 6.61 15.59
C THR A 7 -10.77 5.65 15.90
N PRO A 8 -10.91 4.65 16.78
CA PRO A 8 -9.77 3.75 17.00
C PRO A 8 -9.38 2.98 15.76
N PHE A 9 -10.35 2.61 14.92
CA PHE A 9 -10.03 1.91 13.69
C PHE A 9 -9.18 2.79 12.78
N LEU A 10 -9.53 4.06 12.64
CA LEU A 10 -8.71 4.93 11.79
C LEU A 10 -7.34 5.15 12.39
N ILE A 11 -7.25 5.24 13.72
CA ILE A 11 -5.95 5.34 14.36
C ILE A 11 -5.11 4.12 14.00
N LEU A 12 -5.72 2.94 14.03
CA LEU A 12 -4.99 1.72 13.69
C LEU A 12 -4.56 1.73 12.22
N LEU A 13 -5.44 2.16 11.32
CA LEU A 13 -5.02 2.22 9.92
C LEU A 13 -3.89 3.22 9.72
N ARG A 14 -3.92 4.34 10.46
CA ARG A 14 -2.84 5.32 10.31
C ARG A 14 -1.52 4.72 10.75
N LYS A 15 -1.53 4.05 11.90
CA LYS A 15 -0.33 3.39 12.39
C LYS A 15 0.15 2.34 11.41
N THR A 16 -0.78 1.54 10.89
CA THR A 16 -0.42 0.47 9.96
C THR A 16 0.18 1.03 8.69
N LEU A 17 -0.43 2.09 8.14
CA LEU A 17 0.11 2.71 6.95
C LEU A 17 1.52 3.24 7.20
N GLU A 18 1.77 3.81 8.38
CA GLU A 18 3.12 4.25 8.70
C GLU A 18 4.08 3.07 8.75
N GLN A 19 3.66 1.94 9.32
CA GLN A 19 4.55 0.79 9.37
C GLN A 19 4.82 0.25 7.98
N LEU A 20 3.82 0.28 7.10
CA LEU A 20 4.06 -0.15 5.72
C LEU A 20 5.02 0.79 5.01
N GLN A 21 4.86 2.10 5.20
CA GLN A 21 5.79 3.03 4.56
C GLN A 21 7.19 2.82 5.08
N GLU A 22 7.33 2.47 6.37
CA GLU A 22 8.66 2.22 6.93
C GLU A 22 9.35 1.07 6.24
N LYS A 23 8.61 0.10 5.69
CA LYS A 23 9.24 -1.00 4.96
C LYS A 23 9.70 -0.58 3.57
N ASP A 24 9.20 0.55 3.06
CA ASP A 24 9.57 1.05 1.73
C ASP A 24 10.72 2.01 1.95
N THR A 25 11.90 1.45 2.20
CA THR A 25 13.01 2.30 2.63
C THR A 25 13.49 3.20 1.51
N GLY A 26 13.40 2.74 0.26
CA GLY A 26 13.73 3.56 -0.88
C GLY A 26 12.72 4.63 -1.20
N ASN A 27 11.56 4.61 -0.52
CA ASN A 27 10.48 5.56 -0.79
C ASN A 27 10.06 5.50 -2.26
N ILE A 28 10.08 4.30 -2.84
CA ILE A 28 9.68 4.19 -4.24
C ILE A 28 8.18 4.05 -4.39
N PHE A 29 7.47 3.86 -3.28
CA PHE A 29 6.03 3.70 -3.28
C PHE A 29 5.34 4.82 -2.50
N SER A 30 6.07 5.86 -2.12
CA SER A 30 5.52 6.91 -1.29
CA SER A 30 5.52 6.92 -1.29
C SER A 30 4.64 7.88 -2.07
N GLU A 31 4.88 8.03 -3.37
CA GLU A 31 4.17 8.96 -4.24
C GLU A 31 3.82 8.24 -5.53
N PRO A 32 2.86 8.78 -6.30
CA PRO A 32 2.52 8.14 -7.58
C PRO A 32 3.74 7.97 -8.47
N VAL A 33 3.78 6.87 -9.21
CA VAL A 33 4.85 6.70 -10.19
C VAL A 33 4.85 7.91 -11.12
N PRO A 34 5.98 8.61 -11.28
CA PRO A 34 5.95 9.86 -12.07
C PRO A 34 5.80 9.59 -13.55
N LEU A 35 4.65 9.97 -14.10
CA LEU A 35 4.40 9.76 -15.53
C LEU A 35 5.38 10.55 -16.39
N SER A 36 6.01 11.60 -15.84
CA SER A 36 7.02 12.34 -16.58
C SER A 36 8.19 11.43 -16.94
N GLU A 37 8.57 10.56 -16.00
CA GLU A 37 9.70 9.65 -16.20
C GLU A 37 9.27 8.28 -16.71
N VAL A 38 8.00 7.92 -16.54
CA VAL A 38 7.46 6.65 -17.02
C VAL A 38 6.23 6.93 -17.87
N PRO A 39 6.38 7.53 -19.05
CA PRO A 39 5.20 8.06 -19.77
C PRO A 39 4.24 6.99 -20.30
N ASP A 40 4.65 5.73 -20.37
CA ASP A 40 3.76 4.67 -20.83
C ASP A 40 3.13 3.89 -19.69
N TYR A 41 3.33 4.35 -18.45
CA TYR A 41 2.93 3.58 -17.28
C TYR A 41 1.44 3.24 -17.31
N LEU A 42 0.60 4.15 -17.80
CA LEU A 42 -0.84 3.92 -17.77
C LEU A 42 -1.33 3.04 -18.91
N ASP A 43 -0.43 2.51 -19.74
CA ASP A 43 -0.87 1.69 -20.87
C ASP A 43 -1.57 0.42 -20.40
N HIS A 44 -1.01 -0.22 -19.36
CA HIS A 44 -1.59 -1.44 -18.80
C HIS A 44 -1.77 -1.38 -17.29
N ILE A 45 -1.44 -0.26 -16.64
CA ILE A 45 -1.72 -0.08 -15.22
C ILE A 45 -3.01 0.72 -15.14
N LYS A 46 -4.11 0.04 -14.83
CA LYS A 46 -5.40 0.71 -14.90
C LYS A 46 -5.76 1.46 -13.62
N LYS A 47 -5.18 1.10 -12.48
CA LYS A 47 -5.40 1.83 -11.24
C LYS A 47 -4.07 2.01 -10.51
N PRO A 48 -3.35 3.08 -10.79
CA PRO A 48 -2.14 3.38 -10.03
C PRO A 48 -2.48 3.55 -8.56
N MET A 49 -1.50 3.21 -7.71
CA MET A 49 -1.68 3.38 -6.27
C MET A 49 -0.31 3.61 -5.64
N ASP A 50 -0.34 4.29 -4.50
CA ASP A 50 0.86 4.69 -3.76
C ASP A 50 0.43 5.07 -2.35
N PHE A 51 1.41 5.20 -1.45
CA PHE A 51 1.10 5.43 -0.05
C PHE A 51 0.54 6.82 0.21
N PHE A 52 0.94 7.81 -0.58
CA PHE A 52 0.35 9.14 -0.41
C PHE A 52 -1.11 9.12 -0.77
N THR A 53 -1.47 8.49 -1.88
CA THR A 53 -2.88 8.33 -2.22
C THR A 53 -3.62 7.56 -1.13
N MET A 54 -3.00 6.51 -0.59
CA MET A 54 -3.66 5.75 0.49
C MET A 54 -3.91 6.63 1.70
N LYS A 55 -2.96 7.49 2.05
CA LYS A 55 -3.17 8.40 3.17
C LYS A 55 -4.34 9.34 2.90
N GLN A 56 -4.43 9.87 1.68
N GLN A 56 -4.41 9.89 1.69
CA GLN A 56 -5.55 10.74 1.36
CA GLN A 56 -5.55 10.73 1.32
C GLN A 56 -6.87 9.97 1.40
C GLN A 56 -6.85 9.96 1.43
N ASN A 57 -6.86 8.71 0.93
CA ASN A 57 -8.08 7.91 1.00
C ASN A 57 -8.47 7.63 2.44
N LEU A 58 -7.49 7.30 3.29
CA LEU A 58 -7.75 7.06 4.69
C LEU A 58 -8.46 8.25 5.34
N GLU A 59 -7.87 9.44 5.20
CA GLU A 59 -8.44 10.62 5.87
C GLU A 59 -9.75 11.04 5.26
N ALA A 60 -10.04 10.60 4.03
CA ALA A 60 -11.32 10.85 3.40
C ALA A 60 -12.37 9.81 3.77
N TYR A 61 -12.05 8.94 4.74
CA TYR A 61 -12.98 7.91 5.21
C TYR A 61 -13.33 6.93 4.11
N ARG A 62 -12.38 6.65 3.22
CA ARG A 62 -12.62 5.68 2.16
C ARG A 62 -12.27 4.26 2.57
N TYR A 63 -11.60 4.07 3.71
CA TYR A 63 -11.25 2.75 4.22
C TYR A 63 -12.04 2.55 5.51
N LEU A 64 -13.17 1.85 5.41
CA LEU A 64 -14.00 1.55 6.57
C LEU A 64 -13.92 0.08 6.96
N ASN A 65 -13.06 -0.69 6.32
CA ASN A 65 -12.81 -2.06 6.74
C ASN A 65 -11.38 -2.38 6.36
N PHE A 66 -10.85 -3.41 6.99
CA PHE A 66 -9.45 -3.74 6.75
C PHE A 66 -9.21 -4.16 5.31
N ASP A 67 -10.14 -4.91 4.72
CA ASP A 67 -9.88 -5.45 3.39
C ASP A 67 -9.75 -4.34 2.34
N ASP A 68 -10.50 -3.25 2.47
CA ASP A 68 -10.37 -2.20 1.48
C ASP A 68 -9.01 -1.51 1.58
N PHE A 69 -8.50 -1.36 2.80
CA PHE A 69 -7.17 -0.80 3.00
C PHE A 69 -6.12 -1.74 2.41
N GLU A 70 -6.22 -3.03 2.77
CA GLU A 70 -5.26 -4.01 2.29
C GLU A 70 -5.31 -4.16 0.76
N GLU A 71 -6.49 -4.01 0.16
CA GLU A 71 -6.60 -4.12 -1.29
C GLU A 71 -5.75 -3.06 -1.99
N ASP A 72 -5.72 -1.82 -1.46
CA ASP A 72 -4.95 -0.78 -2.11
C ASP A 72 -3.46 -0.97 -1.88
N PHE A 73 -3.08 -1.51 -0.72
CA PHE A 73 -1.69 -1.92 -0.53
C PHE A 73 -1.30 -2.98 -1.55
N ASN A 74 -2.14 -4.00 -1.71
CA ASN A 74 -1.85 -5.04 -2.70
C ASN A 74 -1.72 -4.47 -4.10
N LEU A 75 -2.45 -3.39 -4.41
CA LEU A 75 -2.33 -2.75 -5.71
C LEU A 75 -0.95 -2.13 -5.89
N ILE A 76 -0.42 -1.50 -4.84
CA ILE A 76 0.94 -0.97 -4.93
C ILE A 76 1.90 -2.06 -5.34
N VAL A 77 1.77 -3.23 -4.70
CA VAL A 77 2.64 -4.36 -5.01
C VAL A 77 2.37 -4.89 -6.41
N SER A 78 1.10 -5.17 -6.74
CA SER A 78 0.82 -5.84 -8.01
CA SER A 78 0.81 -5.84 -8.01
C SER A 78 1.11 -4.94 -9.20
N ASN A 79 0.85 -3.64 -9.09
CA ASN A 79 1.18 -2.74 -10.20
C ASN A 79 2.67 -2.78 -10.50
N CYS A 80 3.48 -2.83 -9.44
CA CYS A 80 4.93 -2.81 -9.61
C CYS A 80 5.43 -4.13 -10.20
N LEU A 81 4.91 -5.26 -9.70
CA LEU A 81 5.26 -6.54 -10.31
C LEU A 81 4.82 -6.57 -11.78
N LYS A 82 3.68 -5.98 -12.09
CA LYS A 82 3.19 -6.01 -13.47
C LYS A 82 4.05 -5.17 -14.40
N TYR A 83 4.35 -3.92 -13.99
CA TYR A 83 4.99 -2.99 -14.91
C TYR A 83 6.45 -3.33 -15.16
N ASN A 84 7.17 -3.76 -14.13
CA ASN A 84 8.62 -3.83 -14.18
C ASN A 84 9.09 -5.25 -14.45
N ALA A 85 10.21 -5.37 -15.19
CA ALA A 85 10.75 -6.68 -15.49
C ALA A 85 11.28 -7.33 -14.22
N LYS A 86 11.34 -8.66 -14.23
CA LYS A 86 11.68 -9.37 -13.01
C LYS A 86 13.09 -9.08 -12.55
N ASP A 87 13.99 -8.72 -13.47
CA ASP A 87 15.39 -8.52 -13.13
C ASP A 87 15.70 -7.10 -12.68
N THR A 88 14.71 -6.36 -12.22
CA THR A 88 14.90 -4.97 -11.83
C THR A 88 14.83 -4.83 -10.31
N ILE A 89 15.50 -3.79 -9.81
CA ILE A 89 15.33 -3.43 -8.40
C ILE A 89 13.86 -3.23 -8.07
N PHE A 90 13.12 -2.52 -8.92
CA PHE A 90 11.72 -2.23 -8.62
C PHE A 90 10.92 -3.51 -8.39
N TYR A 91 11.07 -4.50 -9.27
CA TYR A 91 10.32 -5.73 -9.11
C TYR A 91 10.69 -6.41 -7.79
N ARG A 92 11.99 -6.48 -7.49
CA ARG A 92 12.38 -7.17 -6.27
C ARG A 92 11.92 -6.41 -5.04
N ALA A 93 11.87 -5.08 -5.12
CA ALA A 93 11.41 -4.28 -3.99
C ALA A 93 9.94 -4.55 -3.72
N ALA A 94 9.17 -4.76 -4.79
CA ALA A 94 7.75 -5.09 -4.59
C ALA A 94 7.59 -6.46 -3.94
N VAL A 95 8.42 -7.44 -4.33
CA VAL A 95 8.40 -8.74 -3.67
C VAL A 95 8.71 -8.58 -2.19
N ARG A 96 9.74 -7.81 -1.87
N ARG A 96 9.74 -7.81 -1.87
CA ARG A 96 10.11 -7.62 -0.48
CA ARG A 96 10.11 -7.64 -0.48
C ARG A 96 9.01 -6.91 0.29
C ARG A 96 9.02 -6.90 0.29
N LEU A 97 8.38 -5.90 -0.33
CA LEU A 97 7.29 -5.19 0.32
C LEU A 97 6.11 -6.11 0.54
N ARG A 98 5.83 -7.00 -0.42
CA ARG A 98 4.74 -7.95 -0.24
C ARG A 98 4.98 -8.82 0.98
N GLU A 99 6.22 -9.28 1.15
CA GLU A 99 6.59 -10.13 2.28
C GLU A 99 6.55 -9.35 3.58
N GLN A 100 7.26 -8.22 3.63
CA GLN A 100 7.34 -7.48 4.88
C GLN A 100 6.00 -6.83 5.22
N GLY A 101 5.31 -6.30 4.22
CA GLY A 101 4.02 -5.70 4.46
C GLY A 101 2.96 -6.70 4.84
N GLY A 102 3.06 -7.92 4.32
CA GLY A 102 2.10 -8.96 4.69
C GLY A 102 2.11 -9.24 6.18
N ALA A 103 3.30 -9.31 6.78
CA ALA A 103 3.39 -9.51 8.22
C ALA A 103 2.83 -8.33 9.00
N VAL A 104 3.07 -7.10 8.51
CA VAL A 104 2.51 -5.93 9.17
C VAL A 104 0.99 -5.99 9.13
N LEU A 105 0.44 -6.38 7.98
CA LEU A 105 -1.01 -6.38 7.85
C LEU A 105 -1.65 -7.49 8.68
N ARG A 106 -1.01 -8.65 8.77
N ARG A 106 -0.99 -8.64 8.76
CA ARG A 106 -1.60 -9.72 9.58
CA ARG A 106 -1.48 -9.75 9.56
C ARG A 106 -1.70 -9.31 11.04
C ARG A 106 -1.65 -9.34 11.02
N GLN A 107 -0.63 -8.68 11.57
CA GLN A 107 -0.69 -8.26 12.96
C GLN A 107 -1.70 -7.14 13.15
N ALA A 108 -1.79 -6.20 12.19
CA ALA A 108 -2.74 -5.12 12.35
C ALA A 108 -4.17 -5.65 12.29
N ARG A 109 -4.42 -6.64 11.42
CA ARG A 109 -5.76 -7.19 11.34
C ARG A 109 -6.13 -7.90 12.64
N ARG A 110 -5.18 -8.60 13.24
CA ARG A 110 -5.44 -9.19 14.55
C ARG A 110 -5.91 -8.14 15.55
N GLN A 111 -5.27 -6.97 15.55
CA GLN A 111 -5.66 -5.91 16.47
C GLN A 111 -7.05 -5.37 16.15
N ALA A 112 -7.36 -5.21 14.85
CA ALA A 112 -8.68 -4.72 14.46
C ALA A 112 -9.77 -5.72 14.87
N GLU A 113 -9.48 -7.01 14.74
CA GLU A 113 -10.46 -8.02 15.14
C GLU A 113 -10.69 -8.01 16.65
N LYS A 114 -9.70 -7.57 17.44
CA LYS A 114 -9.93 -7.41 18.87
C LYS A 114 -10.96 -6.34 19.17
N MET A 115 -11.09 -5.35 18.29
CA MET A 115 -12.04 -4.26 18.48
C MET A 115 -13.48 -4.74 18.34
FAB 5GT B . 11.10 7.85 -11.49
CAO 5GT B . 11.19 6.57 -11.81
FAC 5GT B . 12.45 6.18 -11.63
FAD 5GT B . 10.87 6.43 -13.06
CAL 5GT B . 10.36 5.81 -10.99
CAG 5GT B . 9.76 4.63 -11.45
CAN 5GT B . 8.94 3.90 -10.60
NAJ 5GT B . 8.30 2.72 -11.03
C 5GT B . 7.61 1.91 -10.13
O 5GT B . 7.03 0.91 -10.55
CA 5GT B . 7.59 2.19 -8.76
N 5GT B . 7.90 3.59 -8.44
CAM 5GT B . 8.72 4.34 -9.30
CAF 5GT B . 9.32 5.50 -8.83
CAE 5GT B . 10.14 6.23 -9.67
N NO3 C . 7.31 -12.96 -7.27
O1 NO3 C . 7.30 -13.89 -6.07
O2 NO3 C . 6.31 -11.97 -7.39
O3 NO3 C . 8.34 -13.11 -8.36
#